data_3BIQ
#
_entry.id   3BIQ
#
_cell.length_a   60.285
_cell.length_b   50.806
_cell.length_c   79.214
_cell.angle_alpha   90.00
_cell.angle_beta   107.03
_cell.angle_gamma   90.00
#
_symmetry.space_group_name_H-M   'P 1 21 1'
#
loop_
_entity.id
_entity.type
_entity.pdbx_description
1 polymer 'FACT complex subunit SPT16'
2 non-polymer GLYCEROL
3 water water
#
_entity_poly.entity_id   1
_entity_poly.type   'polypeptide(L)'
_entity_poly.pdbx_seq_one_letter_code
;GHMEELNIDFDVFKKRIELLYSKYNEFEGSPNSLLFVLGSSNAENPYQKTTILHNWLLSYEFPATLIALVPGKVIIITSS
AKAKHLQKAIDLFKDPESKITLELWQRNNKEPELNKKLFDDVIALINSAGKTVGIPEKDSYQGKFMTEWNPVWEAAVKEN
EFNVIDISLGLSKVWEVKDVNEQAFLSVSSKGSDKFMDLLSNEMVRAVDEELKITNAKLSDKIENKIDDVKFLKQLSPDL
SALCPPNYKFNFDLLDWTYSPIIQSGKKFDLRVSARSTNDQLYGNGCILASCGIRYNNYCSNITRTFLIDPSEEMANNYD
FLLTLQKEIVTNILKPGRTPKEVYESVIEYIEKTKPELVPNFTKNIGSLIGLEFRDSNFILNVKNDYRKIQRGDCFNISF
GFNNLKDSQSANNYALQLADTVQIPLDETEPPRFLTNYTKAKSQISFYFNNEEEDNNKKKSSPATKV
;
_entity_poly.pdbx_strand_id   A
#
loop_
_chem_comp.id
_chem_comp.type
_chem_comp.name
_chem_comp.formula
GOL non-polymer GLYCEROL 'C3 H8 O3'
#
# COMPACT_ATOMS: atom_id res chain seq x y z
N ASN A 7 -10.67 15.69 -11.79
CA ASN A 7 -10.04 17.00 -11.50
C ASN A 7 -9.01 16.97 -10.36
N ILE A 8 -7.91 17.66 -10.60
CA ILE A 8 -6.69 17.58 -9.80
C ILE A 8 -6.59 18.82 -8.89
N ASP A 9 -6.31 18.60 -7.60
CA ASP A 9 -6.04 19.72 -6.71
C ASP A 9 -4.60 20.19 -6.93
N PHE A 10 -4.46 21.33 -7.59
CA PHE A 10 -3.15 21.85 -7.96
C PHE A 10 -2.38 22.49 -6.82
N ASP A 11 -3.10 22.93 -5.78
CA ASP A 11 -2.46 23.39 -4.56
C ASP A 11 -1.78 22.22 -3.83
N VAL A 12 -2.43 21.05 -3.85
CA VAL A 12 -1.81 19.83 -3.32
C VAL A 12 -0.61 19.44 -4.21
N PHE A 13 -0.81 19.44 -5.53
CA PHE A 13 0.27 19.16 -6.47
C PHE A 13 1.48 20.04 -6.18
N LYS A 14 1.21 21.34 -6.01
CA LYS A 14 2.29 22.30 -5.75
C LYS A 14 3.03 22.01 -4.45
N LYS A 15 2.31 21.79 -3.35
CA LYS A 15 2.96 21.53 -2.07
C LYS A 15 3.79 20.23 -2.08
N ARG A 16 3.29 19.19 -2.75
CA ARG A 16 4.00 17.91 -2.79
C ARG A 16 5.23 17.94 -3.68
N ILE A 17 5.10 18.57 -4.87
CA ILE A 17 6.27 18.71 -5.73
C ILE A 17 7.35 19.62 -5.10
N GLU A 18 6.93 20.65 -4.38
CA GLU A 18 7.90 21.53 -3.72
C GLU A 18 8.60 20.78 -2.58
N LEU A 19 7.86 19.94 -1.86
CA LEU A 19 8.44 19.13 -0.79
C LEU A 19 9.52 18.18 -1.33
N LEU A 20 9.19 17.45 -2.40
CA LEU A 20 10.13 16.54 -3.07
C LEU A 20 11.37 17.30 -3.56
N TYR A 21 11.12 18.39 -4.27
CA TYR A 21 12.20 19.25 -4.77
C TYR A 21 13.15 19.71 -3.65
N SER A 22 12.59 20.10 -2.48
CA SER A 22 13.41 20.59 -1.34
C SER A 22 14.26 19.51 -0.69
N LYS A 23 13.86 18.24 -0.84
CA LYS A 23 14.49 17.12 -0.15
C LYS A 23 15.48 16.28 -0.97
N TYR A 24 15.32 16.25 -2.30
CA TYR A 24 15.97 15.18 -3.08
C TYR A 24 17.51 15.17 -3.11
N ASN A 25 18.13 16.34 -3.10
CA ASN A 25 19.56 16.41 -3.16
C ASN A 25 20.16 15.89 -1.84
N GLU A 26 19.34 15.76 -0.81
CA GLU A 26 19.81 15.18 0.45
C GLU A 26 19.50 13.68 0.57
N PHE A 27 18.91 13.09 -0.46
CA PHE A 27 18.82 11.62 -0.54
C PHE A 27 20.23 11.03 -0.53
N GLU A 28 20.33 9.75 -0.16
CA GLU A 28 21.58 8.97 -0.27
C GLU A 28 22.17 9.18 -1.66
N GLY A 29 23.47 9.48 -1.70
CA GLY A 29 24.18 9.64 -2.97
C GLY A 29 24.12 11.03 -3.60
N SER A 30 23.33 11.93 -3.00
CA SER A 30 23.27 13.33 -3.43
C SER A 30 22.98 13.49 -4.94
N PRO A 31 21.83 12.96 -5.41
CA PRO A 31 21.54 13.12 -6.85
C PRO A 31 21.33 14.59 -7.20
N ASN A 32 21.85 14.99 -8.36
CA ASN A 32 21.65 16.34 -8.85
C ASN A 32 20.28 16.54 -9.50
N SER A 33 19.69 15.44 -9.97
CA SER A 33 18.38 15.51 -10.61
C SER A 33 17.62 14.21 -10.32
N LEU A 34 16.32 14.23 -10.56
CA LEU A 34 15.47 13.04 -10.47
C LEU A 34 14.79 12.82 -11.82
N LEU A 35 14.59 11.56 -12.19
CA LEU A 35 14.03 11.21 -13.48
C LEU A 35 13.02 10.05 -13.31
N PHE A 36 11.78 10.30 -13.74
CA PHE A 36 10.67 9.35 -13.57
C PHE A 36 10.05 9.15 -14.94
N VAL A 37 10.07 7.92 -15.43
CA VAL A 37 9.49 7.65 -16.74
C VAL A 37 8.44 6.57 -16.62
N LEU A 38 7.21 6.92 -16.99
CA LEU A 38 6.09 6.00 -16.89
C LEU A 38 5.62 5.63 -18.30
N GLY A 39 5.62 4.33 -18.59
CA GLY A 39 5.15 3.81 -19.89
C GLY A 39 3.68 3.50 -19.79
N SER A 40 3.27 2.31 -20.22
N SER A 40 3.28 2.30 -20.20
CA SER A 40 1.87 1.90 -20.08
CA SER A 40 1.89 1.88 -20.08
C SER A 40 1.57 1.49 -18.65
C SER A 40 1.58 1.51 -18.63
N SER A 41 0.36 1.79 -18.19
CA SER A 41 -0.04 1.41 -16.84
C SER A 41 -0.27 -0.09 -16.86
N ASN A 42 0.03 -0.73 -15.75
CA ASN A 42 -0.30 -2.15 -15.58
C ASN A 42 -1.03 -2.40 -14.27
N ALA A 43 -2.31 -2.77 -14.38
CA ALA A 43 -3.19 -3.03 -13.24
C ALA A 43 -2.71 -4.19 -12.36
N GLU A 44 -1.89 -5.08 -12.93
CA GLU A 44 -1.40 -6.25 -12.21
C GLU A 44 -0.09 -5.95 -11.47
N ASN A 45 0.39 -4.72 -11.61
CA ASN A 45 1.64 -4.25 -11.01
C ASN A 45 1.52 -2.75 -10.66
N PRO A 46 0.53 -2.40 -9.82
CA PRO A 46 0.14 -1.00 -9.63
C PRO A 46 0.97 -0.16 -8.67
N TYR A 47 1.96 -0.74 -8.00
CA TYR A 47 2.60 -0.01 -6.89
C TYR A 47 4.07 0.32 -7.07
N GLN A 48 4.52 0.45 -8.32
CA GLN A 48 5.89 0.88 -8.58
C GLN A 48 6.02 2.36 -8.17
N LYS A 49 7.23 2.77 -7.81
N LYS A 49 7.24 2.75 -7.79
CA LYS A 49 7.51 4.10 -7.28
CA LYS A 49 7.51 4.10 -7.29
C LYS A 49 7.10 5.26 -8.20
C LYS A 49 7.04 5.23 -8.21
N THR A 50 7.31 5.12 -9.50
CA THR A 50 6.91 6.14 -10.48
C THR A 50 5.38 6.32 -10.48
N THR A 51 4.65 5.22 -10.41
CA THR A 51 3.19 5.27 -10.36
C THR A 51 2.74 5.91 -9.04
N ILE A 52 3.41 5.51 -7.95
CA ILE A 52 3.13 6.09 -6.64
C ILE A 52 3.34 7.61 -6.67
N LEU A 53 4.41 8.06 -7.31
CA LEU A 53 4.70 9.48 -7.45
C LEU A 53 3.54 10.21 -8.14
N HIS A 54 3.05 9.64 -9.24
CA HIS A 54 1.95 10.24 -9.98
C HIS A 54 0.68 10.33 -9.10
N ASN A 55 0.37 9.24 -8.41
CA ASN A 55 -0.78 9.20 -7.52
C ASN A 55 -0.65 10.26 -6.42
N TRP A 56 0.54 10.37 -5.85
CA TRP A 56 0.83 11.35 -4.79
C TRP A 56 0.71 12.81 -5.29
N LEU A 57 1.30 13.09 -6.45
CA LEU A 57 1.32 14.46 -7.00
C LEU A 57 -0.01 14.86 -7.60
N LEU A 58 -0.67 13.93 -8.28
CA LEU A 58 -1.80 14.24 -9.17
C LEU A 58 -3.09 13.49 -8.87
N SER A 59 -2.98 12.46 -8.02
CA SER A 59 -4.07 11.50 -7.72
C SER A 59 -4.50 10.63 -8.90
N TYR A 60 -3.76 10.72 -10.01
CA TYR A 60 -3.97 9.91 -11.20
C TYR A 60 -2.60 9.50 -11.76
N GLU A 61 -2.56 8.31 -12.34
CA GLU A 61 -1.42 7.82 -13.06
C GLU A 61 -1.51 8.36 -14.51
N PHE A 62 -0.43 8.95 -14.98
CA PHE A 62 -0.36 9.55 -16.32
C PHE A 62 0.60 8.70 -17.17
N PRO A 63 0.06 7.72 -17.93
CA PRO A 63 0.94 6.87 -18.76
C PRO A 63 1.68 7.67 -19.80
N ALA A 64 2.74 7.08 -20.35
CA ALA A 64 3.53 7.68 -21.44
C ALA A 64 3.92 9.12 -21.12
N THR A 65 4.53 9.29 -19.95
CA THR A 65 4.84 10.61 -19.40
C THR A 65 6.19 10.55 -18.69
N LEU A 66 7.00 11.57 -18.91
CA LEU A 66 8.28 11.70 -18.25
C LEU A 66 8.23 12.91 -17.32
N ILE A 67 8.78 12.76 -16.12
CA ILE A 67 8.90 13.87 -15.18
C ILE A 67 10.36 13.98 -14.71
N ALA A 68 10.96 15.15 -14.87
CA ALA A 68 12.32 15.39 -14.40
C ALA A 68 12.38 16.59 -13.45
N LEU A 69 13.12 16.44 -12.35
CA LEU A 69 13.45 17.55 -11.44
C LEU A 69 14.91 17.87 -11.55
N VAL A 70 15.22 19.13 -11.84
CA VAL A 70 16.59 19.63 -11.89
C VAL A 70 16.57 20.97 -11.14
N PRO A 71 17.73 21.47 -10.69
CA PRO A 71 17.69 22.76 -10.00
C PRO A 71 16.90 23.80 -10.79
N GLY A 72 15.85 24.34 -10.17
CA GLY A 72 15.09 25.44 -10.76
C GLY A 72 13.86 25.05 -11.58
N LYS A 73 13.72 23.77 -11.93
CA LYS A 73 12.71 23.36 -12.91
C LYS A 73 12.12 21.99 -12.71
N VAL A 74 10.81 21.86 -12.97
CA VAL A 74 10.16 20.56 -13.11
C VAL A 74 9.70 20.46 -14.57
N ILE A 75 10.17 19.42 -15.25
N ILE A 75 10.19 19.42 -15.26
CA ILE A 75 9.84 19.23 -16.67
CA ILE A 75 9.83 19.20 -16.66
C ILE A 75 8.93 18.01 -16.81
C ILE A 75 8.90 18.01 -16.76
N ILE A 76 7.80 18.20 -17.48
CA ILE A 76 6.85 17.14 -17.76
C ILE A 76 6.76 16.96 -19.27
N ILE A 77 7.13 15.77 -19.75
CA ILE A 77 6.95 15.45 -21.18
C ILE A 77 5.78 14.52 -21.30
N THR A 78 4.76 14.95 -22.04
CA THR A 78 3.53 14.19 -22.11
C THR A 78 2.75 14.61 -23.36
N SER A 79 1.61 13.98 -23.60
CA SER A 79 0.75 14.30 -24.75
C SER A 79 0.06 15.66 -24.61
N SER A 80 -0.51 16.14 -25.71
CA SER A 80 -1.28 17.37 -25.73
C SER A 80 -2.47 17.29 -24.79
N ALA A 81 -3.19 16.17 -24.83
CA ALA A 81 -4.38 15.97 -24.00
C ALA A 81 -4.00 16.14 -22.53
N LYS A 82 -2.97 15.41 -22.10
CA LYS A 82 -2.51 15.46 -20.72
C LYS A 82 -1.96 16.82 -20.35
N ALA A 83 -1.14 17.43 -21.20
CA ALA A 83 -0.64 18.78 -20.93
C ALA A 83 -1.80 19.74 -20.64
N LYS A 84 -2.90 19.55 -21.35
CA LYS A 84 -4.12 20.35 -21.15
C LYS A 84 -4.76 20.15 -19.78
N HIS A 85 -4.65 18.95 -19.21
CA HIS A 85 -5.13 18.70 -17.84
C HIS A 85 -4.26 19.39 -16.78
N LEU A 86 -3.00 19.62 -17.12
CA LEU A 86 -2.01 20.16 -16.19
C LEU A 86 -1.72 21.66 -16.38
N GLN A 87 -2.34 22.27 -17.36
CA GLN A 87 -1.98 23.61 -17.76
C GLN A 87 -2.10 24.61 -16.65
N LYS A 88 -3.12 24.47 -15.86
CA LYS A 88 -3.44 25.42 -14.79
C LYS A 88 -2.38 25.45 -13.69
N ALA A 89 -1.56 24.41 -13.64
CA ALA A 89 -0.47 24.30 -12.67
C ALA A 89 0.64 25.31 -12.94
N ILE A 90 0.88 25.58 -14.21
CA ILE A 90 1.99 26.45 -14.60
C ILE A 90 1.96 27.78 -13.85
N ASP A 91 0.81 28.46 -13.87
CA ASP A 91 0.63 29.77 -13.20
C ASP A 91 0.97 29.76 -11.70
N LEU A 92 0.84 28.60 -11.06
CA LEU A 92 1.12 28.47 -9.63
C LEU A 92 2.60 28.66 -9.31
N PHE A 93 3.46 28.40 -10.29
CA PHE A 93 4.91 28.52 -10.10
C PHE A 93 5.49 29.80 -10.71
N LYS A 94 4.60 30.63 -11.23
CA LYS A 94 4.94 31.96 -11.69
C LYS A 94 5.52 32.89 -10.62
N ASP A 95 5.11 32.73 -9.38
CA ASP A 95 5.41 33.75 -8.42
C ASP A 95 6.89 33.81 -8.14
N SER A 98 9.12 30.90 -5.23
CA SER A 98 9.27 29.54 -5.68
C SER A 98 10.54 29.34 -6.41
N LYS A 99 11.23 28.28 -6.10
CA LYS A 99 12.41 27.95 -6.86
C LYS A 99 12.08 27.32 -8.18
N ILE A 100 10.85 26.88 -8.39
CA ILE A 100 10.51 26.05 -9.52
C ILE A 100 9.80 26.84 -10.55
N THR A 101 10.25 26.72 -11.79
CA THR A 101 9.36 26.87 -12.95
C THR A 101 8.83 25.53 -13.43
N LEU A 102 7.54 25.48 -13.71
CA LEU A 102 6.92 24.28 -14.28
C LEU A 102 6.83 24.38 -15.80
N GLU A 103 7.26 23.33 -16.48
CA GLU A 103 7.30 23.33 -17.94
C GLU A 103 6.67 22.07 -18.51
N LEU A 104 5.69 22.24 -19.39
CA LEU A 104 4.95 21.13 -19.95
C LEU A 104 5.30 21.02 -21.43
N TRP A 105 6.08 19.99 -21.77
CA TRP A 105 6.48 19.76 -23.15
C TRP A 105 5.55 18.77 -23.84
N GLN A 106 4.92 19.21 -24.91
CA GLN A 106 3.89 18.40 -25.53
C GLN A 106 4.45 17.61 -26.69
N ARG A 107 4.24 16.30 -26.63
CA ARG A 107 4.52 15.39 -27.71
C ARG A 107 3.46 15.44 -28.82
N ASN A 108 3.85 14.97 -30.01
CA ASN A 108 2.98 14.85 -31.18
C ASN A 108 3.42 13.62 -31.97
N ASN A 109 2.60 12.57 -31.95
CA ASN A 109 3.01 11.28 -32.52
C ASN A 109 3.11 11.24 -34.04
N LYS A 110 2.59 12.27 -34.68
CA LYS A 110 2.79 12.46 -36.11
C LYS A 110 4.05 13.28 -36.41
N GLU A 111 4.72 13.72 -35.34
CA GLU A 111 5.99 14.44 -35.45
C GLU A 111 7.06 13.76 -34.58
N PRO A 112 7.61 12.62 -35.06
CA PRO A 112 8.53 11.84 -34.25
C PRO A 112 9.88 12.52 -34.05
N GLU A 113 10.24 13.44 -34.94
CA GLU A 113 11.47 14.24 -34.82
C GLU A 113 11.38 15.22 -33.65
N LEU A 114 10.20 15.83 -33.45
CA LEU A 114 9.97 16.70 -32.30
C LEU A 114 10.06 15.90 -31.03
N ASN A 115 9.41 14.72 -31.03
CA ASN A 115 9.38 13.83 -29.87
C ASN A 115 10.80 13.47 -29.44
N LYS A 116 11.67 13.17 -30.40
CA LYS A 116 13.08 12.92 -30.10
C LYS A 116 13.79 14.14 -29.51
N LYS A 117 13.55 15.31 -30.10
CA LYS A 117 14.13 16.56 -29.62
C LYS A 117 13.78 16.82 -28.15
N LEU A 118 12.52 16.58 -27.77
CA LEU A 118 12.10 16.74 -26.37
C LEU A 118 12.95 15.89 -25.42
N PHE A 119 13.13 14.61 -25.76
CA PHE A 119 13.95 13.68 -24.98
C PHE A 119 15.42 14.14 -24.93
N ASP A 120 15.98 14.56 -26.06
CA ASP A 120 17.35 15.05 -26.04
C ASP A 120 17.46 16.31 -25.18
N ASP A 121 16.46 17.18 -25.27
CA ASP A 121 16.44 18.43 -24.48
C ASP A 121 16.42 18.17 -22.97
N VAL A 122 15.58 17.24 -22.51
CA VAL A 122 15.52 16.96 -21.07
C VAL A 122 16.81 16.33 -20.57
N ILE A 123 17.42 15.46 -21.37
CA ILE A 123 18.69 14.83 -20.99
C ILE A 123 19.81 15.89 -20.90
N ALA A 124 19.74 16.91 -21.76
CA ALA A 124 20.69 18.03 -21.68
C ALA A 124 20.57 18.83 -20.38
N LEU A 125 19.32 19.06 -19.95
CA LEU A 125 19.08 19.73 -18.68
C LEU A 125 19.57 18.91 -17.50
N ILE A 126 19.37 17.59 -17.60
CA ILE A 126 19.83 16.66 -16.58
C ILE A 126 21.34 16.70 -16.52
N ASN A 127 21.97 16.66 -17.70
CA ASN A 127 23.43 16.74 -17.78
C ASN A 127 23.95 18.03 -17.15
N SER A 128 23.26 19.13 -17.42
CA SER A 128 23.59 20.44 -16.87
C SER A 128 23.52 20.52 -15.32
N ALA A 129 22.53 19.84 -14.75
CA ALA A 129 22.38 19.74 -13.30
C ALA A 129 23.57 19.03 -12.64
N GLY A 130 24.07 17.99 -13.28
CA GLY A 130 25.19 17.20 -12.73
C GLY A 130 25.16 15.76 -13.20
N LYS A 131 26.16 14.99 -12.76
CA LYS A 131 26.36 13.63 -13.26
C LYS A 131 25.54 12.57 -12.51
N THR A 132 25.05 12.92 -11.32
CA THR A 132 24.32 11.95 -10.51
C THR A 132 22.83 12.10 -10.74
N VAL A 133 22.23 11.03 -11.26
CA VAL A 133 20.79 11.02 -11.62
C VAL A 133 20.05 10.00 -10.77
N GLY A 134 19.01 10.45 -10.06
CA GLY A 134 18.24 9.58 -9.20
C GLY A 134 17.01 9.04 -9.89
N ILE A 135 16.88 7.72 -9.92
CA ILE A 135 15.71 7.06 -10.50
C ILE A 135 15.25 5.94 -9.57
N PRO A 136 13.96 5.57 -9.64
CA PRO A 136 13.54 4.37 -8.90
C PRO A 136 14.04 3.15 -9.68
N GLU A 137 15.06 2.49 -9.17
CA GLU A 137 15.80 1.55 -10.00
C GLU A 137 15.04 0.26 -10.27
N LYS A 138 14.08 -0.09 -9.42
CA LYS A 138 13.35 -1.34 -9.58
C LYS A 138 12.20 -1.21 -10.58
N ASP A 139 11.83 0.01 -10.91
CA ASP A 139 10.68 0.25 -11.78
C ASP A 139 10.88 -0.24 -13.22
N SER A 140 9.81 -0.82 -13.76
CA SER A 140 9.81 -1.38 -15.11
C SER A 140 8.48 -1.17 -15.80
N TYR A 141 8.50 -0.46 -16.93
CA TYR A 141 7.30 -0.26 -17.72
C TYR A 141 7.56 -0.65 -19.15
N GLN A 142 6.51 -1.11 -19.82
CA GLN A 142 6.60 -1.51 -21.21
C GLN A 142 5.78 -0.54 -22.05
N GLY A 143 5.73 -0.78 -23.37
CA GLY A 143 4.88 0.00 -24.26
C GLY A 143 5.67 0.88 -25.21
N LYS A 144 4.96 1.49 -26.16
CA LYS A 144 5.54 2.24 -27.27
C LYS A 144 6.44 3.40 -26.83
N PHE A 145 5.94 4.21 -25.89
CA PHE A 145 6.70 5.32 -25.32
C PHE A 145 8.06 4.85 -24.75
N MET A 146 8.04 3.74 -24.00
CA MET A 146 9.29 3.17 -23.45
C MET A 146 10.22 2.68 -24.56
N THR A 147 9.66 2.12 -25.61
CA THR A 147 10.50 1.64 -26.71
C THR A 147 11.25 2.82 -27.36
N GLU A 148 10.60 3.99 -27.48
CA GLU A 148 11.30 5.22 -27.91
C GLU A 148 12.36 5.65 -26.92
N TRP A 149 11.95 5.80 -25.66
CA TRP A 149 12.78 6.36 -24.61
C TRP A 149 14.02 5.52 -24.26
N ASN A 150 13.85 4.21 -24.09
CA ASN A 150 14.93 3.37 -23.55
C ASN A 150 16.28 3.54 -24.26
N PRO A 151 16.32 3.46 -25.61
CA PRO A 151 17.64 3.58 -26.28
C PRO A 151 18.25 4.97 -26.19
N VAL A 152 17.41 6.00 -26.15
CA VAL A 152 17.87 7.38 -25.97
C VAL A 152 18.54 7.55 -24.59
N TRP A 153 17.86 7.09 -23.55
CA TRP A 153 18.43 7.13 -22.20
C TRP A 153 19.72 6.33 -22.07
N GLU A 154 19.73 5.10 -22.57
CA GLU A 154 20.90 4.24 -22.45
C GLU A 154 22.12 4.87 -23.11
N ALA A 155 21.93 5.52 -24.26
CA ALA A 155 23.02 6.21 -24.97
C ALA A 155 23.52 7.37 -24.12
N ALA A 156 22.60 8.12 -23.53
CA ALA A 156 22.95 9.27 -22.68
C ALA A 156 23.77 8.86 -21.44
N VAL A 157 23.32 7.83 -20.74
CA VAL A 157 24.06 7.33 -19.58
C VAL A 157 25.50 6.98 -19.98
N LYS A 158 25.64 6.31 -21.12
CA LYS A 158 26.94 5.82 -21.52
C LYS A 158 27.84 6.92 -22.05
N GLU A 159 27.25 7.91 -22.74
CA GLU A 159 28.02 8.97 -23.38
C GLU A 159 28.34 10.14 -22.41
N ASN A 160 27.47 10.35 -21.43
CA ASN A 160 27.59 11.47 -20.50
C ASN A 160 28.16 11.13 -19.14
N GLU A 161 28.55 9.88 -18.96
CA GLU A 161 29.05 9.35 -17.67
C GLU A 161 28.11 9.66 -16.52
N PHE A 162 26.83 9.39 -16.75
CA PHE A 162 25.85 9.51 -15.69
C PHE A 162 26.08 8.43 -14.65
N ASN A 163 26.02 8.83 -13.38
CA ASN A 163 25.95 7.90 -12.28
C ASN A 163 24.50 7.78 -11.86
N VAL A 164 23.87 6.68 -12.25
CA VAL A 164 22.44 6.49 -12.03
C VAL A 164 22.27 5.71 -10.72
N ILE A 165 21.56 6.31 -9.78
CA ILE A 165 21.40 5.72 -8.45
C ILE A 165 19.92 5.56 -8.05
N ASP A 166 19.66 4.60 -7.18
CA ASP A 166 18.31 4.38 -6.66
C ASP A 166 17.89 5.50 -5.69
N ILE A 167 16.61 5.87 -5.73
CA ILE A 167 16.03 6.87 -4.82
C ILE A 167 14.82 6.33 -4.03
N SER A 168 14.59 5.02 -4.09
CA SER A 168 13.37 4.44 -3.47
C SER A 168 13.29 4.80 -1.99
N LEU A 169 14.41 4.69 -1.27
CA LEU A 169 14.41 4.99 0.16
C LEU A 169 14.10 6.47 0.43
N GLY A 170 14.73 7.37 -0.35
CA GLY A 170 14.44 8.81 -0.29
C GLY A 170 12.97 9.13 -0.55
N LEU A 171 12.40 8.56 -1.61
CA LEU A 171 10.95 8.73 -1.88
C LEU A 171 10.10 8.23 -0.72
N SER A 172 10.44 7.06 -0.21
CA SER A 172 9.71 6.47 0.91
C SER A 172 9.65 7.46 2.08
N LYS A 173 10.77 8.13 2.38
CA LYS A 173 10.79 9.10 3.49
C LYS A 173 10.01 10.39 3.23
N VAL A 174 10.08 10.87 1.99
CA VAL A 174 9.36 12.08 1.59
C VAL A 174 7.84 11.95 1.78
N TRP A 175 7.25 10.84 1.34
CA TRP A 175 5.80 10.75 1.37
C TRP A 175 5.25 9.86 2.47
N GLU A 176 6.12 9.56 3.45
CA GLU A 176 5.79 8.67 4.55
C GLU A 176 4.67 9.22 5.43
N VAL A 177 4.82 10.45 5.89
CA VAL A 177 3.87 11.04 6.85
C VAL A 177 2.59 11.44 6.11
N LYS A 178 1.45 10.96 6.61
CA LYS A 178 0.17 11.20 5.96
C LYS A 178 -0.45 12.54 6.38
N ASP A 179 -0.79 13.39 5.40
CA ASP A 179 -1.47 14.63 5.78
C ASP A 179 -2.92 14.31 6.16
N VAL A 180 -3.64 15.29 6.69
CA VAL A 180 -4.99 15.03 7.20
C VAL A 180 -5.97 14.49 6.14
N ASN A 181 -5.81 14.94 4.90
CA ASN A 181 -6.67 14.45 3.82
C ASN A 181 -6.35 12.99 3.52
N GLU A 182 -5.06 12.66 3.47
CA GLU A 182 -4.61 11.29 3.24
C GLU A 182 -5.11 10.36 4.34
N GLN A 183 -5.06 10.85 5.58
CA GLN A 183 -5.58 10.10 6.71
C GLN A 183 -7.07 9.78 6.52
N ALA A 184 -7.82 10.77 6.03
CA ALA A 184 -9.23 10.59 5.74
C ALA A 184 -9.42 9.51 4.67
N PHE A 185 -8.66 9.59 3.57
CA PHE A 185 -8.81 8.59 2.51
C PHE A 185 -8.50 7.19 2.98
N LEU A 186 -7.45 7.05 3.79
CA LEU A 186 -7.13 5.78 4.45
C LEU A 186 -8.30 5.27 5.35
N SER A 187 -8.96 6.19 6.04
N SER A 187 -8.97 6.20 6.03
CA SER A 187 -10.12 5.84 6.85
CA SER A 187 -10.11 5.83 6.87
C SER A 187 -11.25 5.29 5.99
C SER A 187 -11.30 5.34 6.03
N VAL A 188 -11.47 5.92 4.83
CA VAL A 188 -12.51 5.49 3.90
C VAL A 188 -12.22 4.09 3.37
N SER A 189 -10.97 3.91 2.91
CA SER A 189 -10.46 2.63 2.44
C SER A 189 -10.72 1.54 3.50
N SER A 190 -10.28 1.82 4.73
CA SER A 190 -10.42 0.86 5.85
C SER A 190 -11.88 0.51 6.18
N LYS A 191 -12.76 1.49 6.13
CA LYS A 191 -14.20 1.24 6.36
C LYS A 191 -14.74 0.32 5.24
N GLY A 192 -14.29 0.56 4.00
CA GLY A 192 -14.57 -0.34 2.88
C GLY A 192 -14.13 -1.77 3.20
N SER A 193 -12.86 -1.93 3.64
CA SER A 193 -12.36 -3.26 4.04
C SER A 193 -13.23 -3.92 5.12
N ASP A 194 -13.66 -3.14 6.13
CA ASP A 194 -14.57 -3.64 7.17
C ASP A 194 -15.87 -4.18 6.59
N LYS A 195 -16.46 -3.45 5.64
CA LYS A 195 -17.77 -3.85 5.11
C LYS A 195 -17.69 -5.09 4.20
N PHE A 196 -16.61 -5.18 3.42
CA PHE A 196 -16.35 -6.41 2.68
C PHE A 196 -16.02 -7.59 3.60
N MET A 197 -15.27 -7.35 4.68
CA MET A 197 -15.05 -8.42 5.66
C MET A 197 -16.36 -8.92 6.26
N ASP A 198 -17.26 -7.99 6.60
CA ASP A 198 -18.58 -8.38 7.11
C ASP A 198 -19.32 -9.27 6.10
N LEU A 199 -19.32 -8.86 4.84
CA LEU A 199 -19.89 -9.68 3.78
C LEU A 199 -19.24 -11.06 3.69
N LEU A 200 -17.91 -11.06 3.68
CA LEU A 200 -17.13 -12.29 3.62
C LEU A 200 -17.51 -13.26 4.72
N SER A 201 -17.54 -12.80 5.97
CA SER A 201 -17.89 -13.69 7.08
C SER A 201 -19.33 -14.24 6.92
N ASN A 202 -20.26 -13.39 6.51
CA ASN A 202 -21.62 -13.85 6.26
C ASN A 202 -21.72 -14.92 5.19
N GLU A 203 -21.04 -14.68 4.06
CA GLU A 203 -21.06 -15.62 2.93
C GLU A 203 -20.40 -16.95 3.29
N MET A 204 -19.34 -16.85 4.09
CA MET A 204 -18.63 -18.03 4.56
C MET A 204 -19.51 -18.90 5.47
N VAL A 205 -20.19 -18.29 6.44
CA VAL A 205 -21.12 -19.03 7.30
C VAL A 205 -22.24 -19.68 6.48
N ARG A 206 -22.83 -18.92 5.56
CA ARG A 206 -23.83 -19.47 4.66
C ARG A 206 -23.29 -20.68 3.86
N ALA A 207 -22.05 -20.58 3.39
CA ALA A 207 -21.42 -21.67 2.63
C ALA A 207 -21.31 -22.95 3.44
N VAL A 208 -20.90 -22.81 4.70
CA VAL A 208 -20.83 -23.97 5.59
C VAL A 208 -22.24 -24.51 5.90
N ASP A 209 -23.15 -23.61 6.26
CA ASP A 209 -24.52 -23.99 6.62
C ASP A 209 -25.28 -24.68 5.49
N GLU A 210 -25.10 -24.19 4.28
CA GLU A 210 -25.85 -24.69 3.10
C GLU A 210 -25.09 -25.78 2.35
N GLU A 211 -23.96 -26.20 2.92
CA GLU A 211 -23.13 -27.29 2.37
C GLU A 211 -22.70 -26.99 0.92
N LEU A 212 -22.43 -25.72 0.63
CA LEU A 212 -22.11 -25.30 -0.74
C LEU A 212 -20.89 -26.03 -1.25
N LYS A 213 -20.92 -26.40 -2.52
CA LYS A 213 -19.71 -26.86 -3.18
C LYS A 213 -19.01 -25.63 -3.75
N ILE A 214 -17.91 -25.24 -3.12
CA ILE A 214 -17.22 -24.00 -3.41
C ILE A 214 -15.80 -24.06 -2.86
N THR A 215 -14.83 -23.61 -3.64
CA THR A 215 -13.45 -23.62 -3.18
C THR A 215 -13.13 -22.32 -2.43
N ASN A 216 -12.01 -22.29 -1.71
CA ASN A 216 -11.52 -21.06 -1.06
C ASN A 216 -11.46 -19.94 -2.08
N ALA A 217 -10.90 -20.25 -3.26
CA ALA A 217 -10.70 -19.24 -4.32
C ALA A 217 -12.00 -18.71 -4.89
N LYS A 218 -12.96 -19.61 -5.10
CA LYS A 218 -14.25 -19.22 -5.62
C LYS A 218 -15.02 -18.35 -4.63
N LEU A 219 -14.95 -18.68 -3.34
CA LEU A 219 -15.59 -17.85 -2.32
C LEU A 219 -14.94 -16.47 -2.26
N SER A 220 -13.62 -16.43 -2.24
CA SER A 220 -12.94 -15.12 -2.21
C SER A 220 -13.23 -14.31 -3.47
N ASP A 221 -13.34 -14.98 -4.62
CA ASP A 221 -13.72 -14.35 -5.89
C ASP A 221 -15.13 -13.73 -5.83
N LYS A 222 -16.06 -14.44 -5.18
CA LYS A 222 -17.41 -13.95 -5.00
C LYS A 222 -17.39 -12.58 -4.30
N ILE A 223 -16.59 -12.48 -3.24
CA ILE A 223 -16.46 -11.26 -2.46
C ILE A 223 -15.79 -10.16 -3.31
N GLU A 224 -14.74 -10.54 -4.01
CA GLU A 224 -14.02 -9.61 -4.88
C GLU A 224 -14.98 -8.99 -5.91
N ASN A 225 -15.80 -9.82 -6.52
CA ASN A 225 -16.75 -9.39 -7.55
C ASN A 225 -17.86 -8.46 -7.07
N LYS A 226 -18.14 -8.46 -5.76
CA LYS A 226 -19.15 -7.56 -5.19
C LYS A 226 -18.77 -6.08 -5.33
N ILE A 227 -17.49 -5.78 -5.55
CA ILE A 227 -17.05 -4.40 -5.82
C ILE A 227 -17.66 -3.83 -7.12
N ASP A 228 -18.16 -4.71 -7.99
CA ASP A 228 -18.80 -4.30 -9.25
C ASP A 228 -20.32 -4.31 -9.16
N ASP A 229 -20.83 -4.80 -8.04
CA ASP A 229 -22.27 -4.81 -7.80
C ASP A 229 -22.67 -3.42 -7.31
N VAL A 230 -23.19 -2.60 -8.22
CA VAL A 230 -23.62 -1.22 -7.91
C VAL A 230 -24.66 -1.16 -6.78
N LYS A 231 -25.46 -2.21 -6.64
CA LYS A 231 -26.37 -2.37 -5.52
C LYS A 231 -25.63 -2.39 -4.17
N PHE A 232 -24.57 -3.20 -4.10
CA PHE A 232 -23.73 -3.29 -2.90
C PHE A 232 -23.01 -1.97 -2.63
N LEU A 233 -22.44 -1.39 -3.68
CA LEU A 233 -21.78 -0.10 -3.58
C LEU A 233 -22.70 0.97 -3.00
N LYS A 234 -23.93 1.04 -3.49
CA LYS A 234 -24.96 1.91 -2.89
C LYS A 234 -25.10 1.73 -1.36
N GLN A 235 -25.22 0.50 -0.90
CA GLN A 235 -25.22 0.16 0.51
C GLN A 235 -24.00 0.67 1.28
N LEU A 236 -22.84 0.63 0.63
CA LEU A 236 -21.57 1.05 1.25
C LEU A 236 -21.51 2.56 1.47
N SER A 237 -22.18 3.31 0.58
CA SER A 237 -21.97 4.75 0.40
C SER A 237 -22.11 5.64 1.64
N PRO A 238 -23.22 5.48 2.42
CA PRO A 238 -23.34 6.30 3.64
C PRO A 238 -22.14 6.25 4.59
N ASP A 239 -21.71 5.05 4.96
CA ASP A 239 -20.61 4.92 5.91
C ASP A 239 -19.28 5.41 5.34
N LEU A 240 -19.01 5.09 4.08
CA LEU A 240 -17.75 5.54 3.43
C LEU A 240 -17.74 7.06 3.15
N SER A 241 -18.86 7.61 2.67
CA SER A 241 -18.88 9.02 2.35
C SER A 241 -18.71 9.86 3.62
N ALA A 242 -19.19 9.37 4.76
CA ALA A 242 -19.08 10.16 5.99
C ALA A 242 -17.61 10.36 6.40
N LEU A 243 -16.72 9.49 5.91
CA LEU A 243 -15.30 9.51 6.31
C LEU A 243 -14.39 10.27 5.33
N CYS A 244 -14.96 10.72 4.22
CA CYS A 244 -14.16 11.42 3.23
C CYS A 244 -13.76 12.76 3.86
N PRO A 245 -12.58 13.29 3.49
CA PRO A 245 -12.13 14.55 4.08
C PRO A 245 -13.00 15.72 3.64
N PRO A 246 -13.04 16.79 4.46
CA PRO A 246 -13.86 17.94 4.16
C PRO A 246 -13.57 18.45 2.75
N ASN A 247 -14.65 18.62 1.99
CA ASN A 247 -14.63 19.16 0.63
C ASN A 247 -14.36 18.12 -0.47
N TYR A 248 -14.12 16.89 -0.08
CA TYR A 248 -13.91 15.80 -1.04
C TYR A 248 -15.16 14.95 -1.05
N LYS A 249 -15.79 14.84 -2.22
CA LYS A 249 -17.02 14.08 -2.36
C LYS A 249 -16.73 12.61 -2.58
N PHE A 250 -17.46 11.73 -1.92
CA PHE A 250 -17.29 10.28 -2.12
C PHE A 250 -17.60 9.89 -3.57
N ASN A 251 -16.76 9.04 -4.15
CA ASN A 251 -16.93 8.64 -5.53
C ASN A 251 -16.64 7.15 -5.73
N PHE A 252 -17.68 6.39 -6.05
CA PHE A 252 -17.59 4.95 -6.42
C PHE A 252 -16.42 4.58 -7.30
N ASP A 253 -16.17 5.38 -8.33
CA ASP A 253 -15.14 5.06 -9.30
C ASP A 253 -13.75 5.02 -8.68
N LEU A 254 -13.61 5.59 -7.49
CA LEU A 254 -12.31 5.65 -6.81
C LEU A 254 -12.14 4.47 -5.87
N LEU A 255 -13.11 3.58 -5.85
CA LEU A 255 -13.04 2.37 -5.03
C LEU A 255 -12.44 1.22 -5.87
N ASP A 256 -11.42 0.57 -5.33
CA ASP A 256 -10.78 -0.58 -5.96
C ASP A 256 -10.29 -1.57 -4.87
N TRP A 257 -9.71 -2.69 -5.32
CA TRP A 257 -9.04 -3.66 -4.46
C TRP A 257 -7.55 -3.36 -4.38
N THR A 258 -7.01 -3.42 -3.18
CA THR A 258 -5.54 -3.32 -3.01
C THR A 258 -4.89 -4.58 -3.55
N TYR A 259 -5.54 -5.72 -3.33
CA TYR A 259 -5.10 -7.03 -3.81
C TYR A 259 -6.35 -7.92 -3.77
N SER A 260 -6.28 -9.12 -4.37
CA SER A 260 -7.42 -10.04 -4.34
C SER A 260 -7.67 -10.57 -2.95
N PRO A 261 -8.94 -10.53 -2.51
CA PRO A 261 -9.30 -11.11 -1.22
C PRO A 261 -8.83 -12.56 -1.13
N ILE A 262 -8.53 -12.98 0.10
N ILE A 262 -8.52 -13.00 0.08
CA ILE A 262 -7.97 -14.31 0.36
CA ILE A 262 -7.98 -14.34 0.26
C ILE A 262 -8.80 -15.02 1.42
C ILE A 262 -8.64 -15.07 1.44
N ILE A 263 -9.06 -16.30 1.19
CA ILE A 263 -9.66 -17.17 2.20
C ILE A 263 -8.81 -18.44 2.27
N GLN A 264 -8.49 -18.85 3.50
CA GLN A 264 -7.74 -20.08 3.76
C GLN A 264 -8.45 -20.94 4.79
N SER A 265 -8.45 -22.26 4.55
CA SER A 265 -9.13 -23.22 5.40
C SER A 265 -8.54 -24.60 5.12
N GLY A 266 -8.77 -25.54 6.03
CA GLY A 266 -8.39 -26.95 5.80
C GLY A 266 -6.91 -27.24 5.85
N LYS A 267 -6.38 -27.72 4.71
CA LYS A 267 -5.01 -28.24 4.62
C LYS A 267 -3.87 -27.20 4.55
N LYS A 268 -4.15 -26.00 4.07
CA LYS A 268 -3.07 -25.06 3.81
C LYS A 268 -3.35 -23.70 4.40
N PHE A 269 -2.40 -23.22 5.21
CA PHE A 269 -2.34 -21.85 5.71
C PHE A 269 -0.98 -21.26 5.34
N ASP A 270 -1.01 -20.10 4.71
CA ASP A 270 0.22 -19.40 4.34
C ASP A 270 0.09 -17.97 4.85
N LEU A 271 0.98 -17.57 5.76
CA LEU A 271 0.89 -16.23 6.40
C LEU A 271 1.73 -15.15 5.73
N ARG A 272 2.34 -15.51 4.62
CA ARG A 272 3.18 -14.57 3.87
C ARG A 272 2.34 -13.74 2.89
N VAL A 273 2.88 -12.58 2.49
CA VAL A 273 2.15 -11.68 1.58
C VAL A 273 1.87 -12.32 0.24
N SER A 274 2.69 -13.30 -0.10
CA SER A 274 2.62 -14.02 -1.37
C SER A 274 1.44 -15.04 -1.44
N ALA A 275 0.74 -15.23 -0.33
CA ALA A 275 -0.37 -16.19 -0.24
C ALA A 275 -1.53 -15.86 -1.17
N ARG A 276 -2.11 -16.92 -1.75
CA ARG A 276 -3.29 -16.83 -2.61
C ARG A 276 -4.27 -17.93 -2.22
N SER A 277 -5.56 -17.66 -2.42
CA SER A 277 -6.60 -18.65 -2.08
C SER A 277 -6.38 -19.92 -2.91
N THR A 278 -6.49 -21.10 -2.28
CA THR A 278 -6.29 -22.37 -2.99
C THR A 278 -7.57 -22.85 -3.66
N ASN A 279 -7.39 -23.82 -4.57
CA ASN A 279 -8.52 -24.42 -5.25
C ASN A 279 -9.08 -25.61 -4.49
N ASP A 280 -8.85 -25.64 -3.18
CA ASP A 280 -9.44 -26.67 -2.31
C ASP A 280 -10.87 -26.33 -1.90
N GLN A 281 -11.74 -27.33 -1.80
CA GLN A 281 -13.09 -27.12 -1.26
C GLN A 281 -13.02 -26.43 0.09
N LEU A 282 -13.82 -25.37 0.28
CA LEU A 282 -13.96 -24.70 1.59
C LEU A 282 -14.15 -25.71 2.74
N TYR A 283 -13.24 -25.66 3.71
CA TYR A 283 -13.23 -26.63 4.81
C TYR A 283 -13.93 -26.03 6.03
N GLY A 284 -15.14 -26.52 6.29
CA GLY A 284 -16.04 -25.89 7.25
C GLY A 284 -15.85 -26.29 8.70
N ASN A 285 -14.60 -26.25 9.16
CA ASN A 285 -14.23 -26.65 10.52
C ASN A 285 -12.88 -26.05 10.88
N GLY A 286 -12.66 -25.74 12.16
CA GLY A 286 -11.36 -25.26 12.59
C GLY A 286 -11.16 -23.79 12.23
N CYS A 287 -9.94 -23.40 11.86
CA CYS A 287 -9.62 -22.01 11.57
C CYS A 287 -9.84 -21.66 10.11
N ILE A 288 -10.50 -20.54 9.90
CA ILE A 288 -10.65 -19.93 8.58
C ILE A 288 -10.02 -18.54 8.64
N LEU A 289 -9.03 -18.31 7.80
CA LEU A 289 -8.37 -17.02 7.76
C LEU A 289 -8.91 -16.23 6.59
N ALA A 290 -9.20 -14.96 6.79
CA ALA A 290 -9.71 -14.15 5.70
C ALA A 290 -9.05 -12.79 5.71
N SER A 291 -8.70 -12.29 4.53
CA SER A 291 -8.08 -10.96 4.39
C SER A 291 -8.71 -10.19 3.21
N CYS A 292 -9.07 -8.92 3.46
CA CYS A 292 -9.68 -8.02 2.49
C CYS A 292 -8.84 -6.76 2.60
N GLY A 293 -8.53 -6.14 1.48
CA GLY A 293 -7.89 -4.84 1.51
C GLY A 293 -8.41 -3.98 0.38
N ILE A 294 -9.34 -3.09 0.73
CA ILE A 294 -9.94 -2.17 -0.20
C ILE A 294 -8.96 -0.99 -0.43
N ARG A 295 -9.03 -0.37 -1.60
CA ARG A 295 -8.21 0.81 -1.91
C ARG A 295 -9.17 1.96 -2.29
N TYR A 296 -9.05 3.10 -1.64
CA TYR A 296 -9.93 4.25 -1.98
C TYR A 296 -9.07 5.44 -2.35
N ASN A 297 -9.33 5.98 -3.55
CA ASN A 297 -8.55 7.08 -4.10
C ASN A 297 -7.05 6.81 -3.99
N ASN A 298 -6.66 5.57 -4.33
CA ASN A 298 -5.24 5.10 -4.33
C ASN A 298 -4.66 4.74 -2.94
N TYR A 299 -5.45 4.96 -1.88
CA TYR A 299 -5.02 4.67 -0.49
C TYR A 299 -5.46 3.29 -0.05
N CYS A 300 -4.44 2.44 0.20
CA CYS A 300 -4.62 1.01 0.48
C CYS A 300 -4.94 0.82 1.95
N SER A 301 -5.70 -0.22 2.26
N SER A 301 -5.71 -0.22 2.24
CA SER A 301 -5.89 -0.64 3.62
CA SER A 301 -6.00 -0.66 3.59
C SER A 301 -5.87 -2.17 3.65
C SER A 301 -5.86 -2.17 3.64
N ASN A 302 -5.99 -2.74 4.85
CA ASN A 302 -5.91 -4.20 5.01
C ASN A 302 -6.60 -4.61 6.30
N ILE A 303 -7.26 -5.76 6.27
CA ILE A 303 -7.87 -6.32 7.47
C ILE A 303 -7.78 -7.83 7.31
N THR A 304 -7.38 -8.53 8.37
CA THR A 304 -7.36 -9.99 8.38
C THR A 304 -8.06 -10.41 9.65
N ARG A 305 -8.94 -11.41 9.52
CA ARG A 305 -9.63 -12.01 10.62
C ARG A 305 -9.49 -13.52 10.54
N THR A 306 -9.44 -14.13 11.71
CA THR A 306 -9.55 -15.55 11.86
C THR A 306 -10.95 -15.83 12.37
N PHE A 307 -11.64 -16.74 11.67
CA PHE A 307 -12.90 -17.28 12.14
C PHE A 307 -12.70 -18.68 12.69
N LEU A 308 -13.40 -18.97 13.77
CA LEU A 308 -13.32 -20.26 14.46
C LEU A 308 -14.60 -21.02 14.28
N ILE A 309 -14.50 -22.18 13.61
CA ILE A 309 -15.68 -23.02 13.40
C ILE A 309 -15.56 -24.28 14.23
N ASP A 310 -16.42 -24.38 15.24
CA ASP A 310 -16.38 -25.47 16.22
C ASP A 310 -14.94 -25.68 16.73
N PRO A 311 -14.32 -24.61 17.29
CA PRO A 311 -12.91 -24.68 17.66
C PRO A 311 -12.69 -25.58 18.87
N SER A 312 -11.53 -26.21 18.93
CA SER A 312 -11.11 -26.90 20.15
C SER A 312 -10.82 -25.83 21.20
N GLU A 313 -10.64 -26.24 22.45
CA GLU A 313 -10.38 -25.28 23.52
C GLU A 313 -9.03 -24.59 23.33
N GLU A 314 -8.04 -25.35 22.84
CA GLU A 314 -6.71 -24.77 22.62
C GLU A 314 -6.70 -23.73 21.48
N MET A 315 -7.48 -23.95 20.41
CA MET A 315 -7.56 -22.94 19.34
C MET A 315 -8.11 -21.64 19.92
N ALA A 316 -9.17 -21.78 20.72
CA ALA A 316 -9.87 -20.64 21.31
C ALA A 316 -8.95 -19.88 22.26
N ASN A 317 -8.22 -20.61 23.11
CA ASN A 317 -7.26 -20.00 24.04
C ASN A 317 -6.12 -19.27 23.32
N ASN A 318 -5.62 -19.86 22.25
CA ASN A 318 -4.58 -19.22 21.45
C ASN A 318 -5.13 -18.03 20.68
N TYR A 319 -6.41 -18.09 20.29
CA TYR A 319 -7.05 -16.91 19.72
C TYR A 319 -7.07 -15.75 20.73
N ASP A 320 -7.44 -16.03 21.97
CA ASP A 320 -7.42 -15.04 23.05
C ASP A 320 -6.04 -14.36 23.20
N PHE A 321 -4.98 -15.17 23.20
CA PHE A 321 -3.63 -14.60 23.24
C PHE A 321 -3.33 -13.72 22.02
N LEU A 322 -3.80 -14.14 20.86
CA LEU A 322 -3.67 -13.32 19.64
C LEU A 322 -4.23 -11.89 19.82
N LEU A 323 -5.42 -11.76 20.43
CA LEU A 323 -6.01 -10.45 20.76
C LEU A 323 -5.17 -9.66 21.75
N THR A 324 -4.71 -10.35 22.79
CA THR A 324 -3.90 -9.74 23.83
C THR A 324 -2.60 -9.19 23.19
N LEU A 325 -1.97 -9.99 22.33
CA LEU A 325 -0.81 -9.55 21.59
C LEU A 325 -1.02 -8.28 20.78
N GLN A 326 -2.12 -8.22 20.04
CA GLN A 326 -2.38 -7.04 19.22
C GLN A 326 -2.51 -5.81 20.12
N LYS A 327 -3.21 -5.96 21.25
CA LYS A 327 -3.38 -4.85 22.19
C LYS A 327 -2.02 -4.39 22.74
N GLU A 328 -1.19 -5.35 23.16
CA GLU A 328 0.17 -5.00 23.59
C GLU A 328 0.97 -4.24 22.52
N ILE A 329 0.99 -4.77 21.29
CA ILE A 329 1.71 -4.10 20.19
C ILE A 329 1.24 -2.66 19.99
N VAL A 330 -0.06 -2.49 19.76
CA VAL A 330 -0.60 -1.19 19.38
C VAL A 330 -0.56 -0.19 20.56
N THR A 331 -0.78 -0.67 21.79
CA THR A 331 -0.81 0.21 22.97
C THR A 331 0.58 0.55 23.51
N ASN A 332 1.50 -0.42 23.49
CA ASN A 332 2.75 -0.26 24.22
C ASN A 332 4.03 -0.33 23.40
N ILE A 333 3.97 -1.00 22.26
CA ILE A 333 5.20 -1.28 21.53
C ILE A 333 5.42 -0.32 20.35
N LEU A 334 4.35 -0.04 19.62
CA LEU A 334 4.41 0.69 18.34
C LEU A 334 4.38 2.20 18.63
N LYS A 335 5.56 2.76 18.84
CA LYS A 335 5.71 4.13 19.35
C LYS A 335 6.59 4.96 18.41
N PRO A 336 6.25 6.27 18.24
CA PRO A 336 7.15 7.16 17.46
C PRO A 336 8.55 7.10 18.02
N GLY A 337 9.55 7.19 17.15
CA GLY A 337 10.94 7.23 17.59
C GLY A 337 11.62 5.89 17.43
N ARG A 338 10.83 4.82 17.37
CA ARG A 338 11.40 3.47 17.34
C ARG A 338 11.62 2.94 15.92
N THR A 339 12.62 2.09 15.76
CA THR A 339 12.88 1.41 14.47
C THR A 339 12.01 0.15 14.32
N PRO A 340 11.78 -0.33 13.07
CA PRO A 340 11.10 -1.61 12.89
C PRO A 340 11.77 -2.75 13.65
N LYS A 341 13.10 -2.82 13.60
CA LYS A 341 13.85 -3.82 14.34
C LYS A 341 13.52 -3.79 15.84
N GLU A 342 13.56 -2.61 16.45
CA GLU A 342 13.25 -2.46 17.89
C GLU A 342 11.83 -2.90 18.19
N VAL A 343 10.88 -2.48 17.34
CA VAL A 343 9.49 -2.88 17.50
C VAL A 343 9.34 -4.41 17.42
N TYR A 344 9.91 -5.02 16.38
CA TYR A 344 9.80 -6.46 16.20
C TYR A 344 10.48 -7.24 17.35
N GLU A 345 11.66 -6.82 17.75
N GLU A 345 11.66 -6.82 17.77
CA GLU A 345 12.36 -7.50 18.87
CA GLU A 345 12.34 -7.53 18.86
C GLU A 345 11.55 -7.44 20.16
C GLU A 345 11.62 -7.41 20.20
N SER A 346 10.94 -6.27 20.41
CA SER A 346 10.05 -6.08 21.56
C SER A 346 8.86 -7.05 21.54
N VAL A 347 8.33 -7.31 20.34
CA VAL A 347 7.25 -8.28 20.16
C VAL A 347 7.71 -9.67 20.56
N ILE A 348 8.81 -10.13 19.98
CA ILE A 348 9.40 -11.42 20.32
C ILE A 348 9.62 -11.58 21.82
N GLU A 349 10.19 -10.54 22.44
CA GLU A 349 10.41 -10.52 23.88
C GLU A 349 9.11 -10.70 24.67
N TYR A 350 8.05 -10.00 24.25
CA TYR A 350 6.75 -10.14 24.91
C TYR A 350 6.21 -11.57 24.77
N ILE A 351 6.31 -12.14 23.57
CA ILE A 351 5.88 -13.53 23.36
C ILE A 351 6.72 -14.49 24.20
N GLU A 352 8.04 -14.24 24.25
N GLU A 352 8.03 -14.26 24.25
CA GLU A 352 8.98 -15.02 25.07
CA GLU A 352 8.92 -15.07 25.08
C GLU A 352 8.59 -15.03 26.55
C GLU A 352 8.53 -15.06 26.56
N LYS A 353 8.06 -13.91 27.03
CA LYS A 353 7.62 -13.78 28.43
C LYS A 353 6.26 -14.43 28.71
N THR A 354 5.35 -14.41 27.73
CA THR A 354 3.99 -14.89 27.97
C THR A 354 3.73 -16.31 27.45
N LYS A 355 4.08 -16.57 26.19
CA LYS A 355 3.89 -17.89 25.56
C LYS A 355 5.16 -18.30 24.78
N PRO A 356 6.26 -18.62 25.50
CA PRO A 356 7.54 -18.88 24.83
C PRO A 356 7.47 -19.98 23.78
N GLU A 357 6.62 -20.99 24.03
CA GLU A 357 6.44 -22.13 23.12
C GLU A 357 5.95 -21.77 21.70
N LEU A 358 5.42 -20.54 21.53
CA LEU A 358 4.83 -20.12 20.26
C LEU A 358 5.75 -19.25 19.39
N VAL A 359 6.88 -18.87 19.95
CA VAL A 359 7.87 -18.03 19.25
C VAL A 359 8.29 -18.62 17.89
N PRO A 360 8.65 -19.93 17.83
CA PRO A 360 9.01 -20.48 16.52
C PRO A 360 7.89 -20.40 15.47
N ASN A 361 6.64 -20.31 15.93
CA ASN A 361 5.48 -20.28 15.05
C ASN A 361 5.10 -18.89 14.52
N PHE A 362 5.71 -17.85 15.06
CA PHE A 362 5.30 -16.48 14.79
C PHE A 362 5.72 -16.00 13.40
N THR A 363 4.96 -15.07 12.81
CA THR A 363 5.37 -14.42 11.56
C THR A 363 6.71 -13.68 11.69
N LYS A 364 7.47 -13.64 10.58
CA LYS A 364 8.79 -12.98 10.52
C LYS A 364 8.73 -11.44 10.52
N ASN A 365 7.52 -10.89 10.39
CA ASN A 365 7.30 -9.44 10.52
C ASN A 365 5.94 -9.22 11.10
N ILE A 366 5.66 -8.00 11.55
CA ILE A 366 4.32 -7.72 12.04
C ILE A 366 3.62 -6.72 11.10
N GLY A 367 4.00 -6.74 9.83
CA GLY A 367 3.37 -5.92 8.79
C GLY A 367 4.30 -4.84 8.24
N SER A 368 3.74 -3.71 7.83
CA SER A 368 4.54 -2.63 7.21
C SER A 368 3.81 -1.29 7.22
N LEU A 369 4.56 -0.23 6.95
CA LEU A 369 3.94 1.02 6.55
C LEU A 369 3.02 0.76 5.35
N ILE A 370 1.88 1.44 5.33
CA ILE A 370 0.93 1.38 4.22
C ILE A 370 0.51 2.77 3.78
N GLY A 371 0.06 2.89 2.53
CA GLY A 371 -0.41 4.19 2.05
C GLY A 371 -0.83 4.03 0.61
N LEU A 372 -0.18 4.81 -0.26
CA LEU A 372 -0.36 4.66 -1.72
C LEU A 372 0.12 3.28 -2.19
N GLU A 373 1.10 2.72 -1.48
CA GLU A 373 1.53 1.32 -1.68
C GLU A 373 0.91 0.44 -0.64
N PHE A 374 0.64 -0.81 -1.03
CA PHE A 374 0.18 -1.81 -0.09
C PHE A 374 1.26 -2.11 0.95
N ARG A 375 2.51 -2.24 0.49
CA ARG A 375 3.61 -2.62 1.36
C ARG A 375 4.87 -1.85 0.94
N ASP A 376 5.30 -0.89 1.76
CA ASP A 376 6.52 -0.16 1.49
C ASP A 376 7.70 -1.03 1.92
N SER A 377 8.46 -1.53 0.95
CA SER A 377 9.54 -2.47 1.25
C SER A 377 10.68 -1.85 2.02
N ASN A 378 10.73 -0.51 2.05
CA ASN A 378 11.68 0.19 2.92
C ASN A 378 11.18 0.47 4.35
N PHE A 379 10.04 -0.13 4.73
CA PHE A 379 9.48 0.06 6.05
C PHE A 379 8.66 -1.17 6.40
N ILE A 380 9.29 -2.34 6.28
CA ILE A 380 8.68 -3.55 6.78
C ILE A 380 9.04 -3.70 8.25
N LEU A 381 8.08 -4.12 9.06
CA LEU A 381 8.29 -4.27 10.50
C LEU A 381 8.91 -5.62 10.82
N ASN A 382 10.21 -5.72 10.56
CA ASN A 382 10.97 -6.93 10.88
C ASN A 382 12.35 -6.54 11.41
N VAL A 383 13.19 -7.53 11.70
CA VAL A 383 14.50 -7.25 12.29
C VAL A 383 15.54 -6.69 11.33
N LYS A 384 15.26 -6.76 10.03
CA LYS A 384 16.22 -6.30 9.02
C LYS A 384 16.21 -4.77 8.87
N ASN A 385 15.16 -4.11 9.34
CA ASN A 385 15.10 -2.67 9.18
C ASN A 385 15.40 -1.96 10.49
N ASP A 386 16.65 -1.49 10.58
N ASP A 386 16.64 -1.50 10.67
CA ASP A 386 17.19 -0.77 11.74
CA ASP A 386 16.99 -0.70 11.86
C ASP A 386 17.41 0.72 11.45
C ASP A 386 17.49 0.68 11.39
N TYR A 387 16.93 1.16 10.28
CA TYR A 387 17.36 2.46 9.70
C TYR A 387 16.25 3.52 9.53
N ARG A 388 15.01 3.18 9.87
CA ARG A 388 13.85 4.11 9.83
C ARG A 388 13.36 4.30 11.24
N LYS A 389 12.87 5.51 11.56
CA LYS A 389 12.13 5.74 12.79
C LYS A 389 10.64 5.87 12.49
N ILE A 390 9.81 5.28 13.34
CA ILE A 390 8.37 5.50 13.30
C ILE A 390 8.10 7.00 13.57
N GLN A 391 7.23 7.59 12.75
CA GLN A 391 6.91 8.99 12.93
C GLN A 391 5.42 9.20 13.10
N ARG A 392 5.07 10.26 13.83
CA ARG A 392 3.67 10.66 13.92
C ARG A 392 3.19 10.94 12.50
N GLY A 393 1.96 10.53 12.20
CA GLY A 393 1.38 10.60 10.85
C GLY A 393 1.57 9.33 10.00
N ASP A 394 2.43 8.41 10.45
CA ASP A 394 2.59 7.11 9.76
C ASP A 394 1.31 6.24 9.85
N CYS A 395 1.02 5.49 8.81
CA CYS A 395 -0.10 4.55 8.84
C CYS A 395 0.50 3.21 8.57
N PHE A 396 0.02 2.21 9.30
CA PHE A 396 0.55 0.85 9.24
C PHE A 396 -0.52 -0.20 8.96
N ASN A 397 -0.12 -1.19 8.17
CA ASN A 397 -0.77 -2.48 8.16
C ASN A 397 -0.07 -3.30 9.26
N ILE A 398 -0.73 -3.47 10.40
CA ILE A 398 -0.16 -4.25 11.51
C ILE A 398 -0.80 -5.64 11.36
N SER A 399 -0.01 -6.59 10.89
CA SER A 399 -0.46 -7.92 10.48
C SER A 399 0.52 -8.95 11.00
N PHE A 400 0.03 -9.92 11.79
CA PHE A 400 0.89 -10.96 12.34
C PHE A 400 0.05 -12.21 12.62
N GLY A 401 0.71 -13.31 12.97
CA GLY A 401 0.02 -14.56 13.22
C GLY A 401 0.98 -15.65 13.62
N PHE A 402 0.42 -16.85 13.83
CA PHE A 402 1.17 -18.03 14.19
C PHE A 402 0.70 -19.10 13.24
N ASN A 403 1.65 -19.80 12.64
CA ASN A 403 1.33 -20.90 11.74
C ASN A 403 1.80 -22.24 12.30
N ASN A 404 1.34 -23.33 11.69
CA ASN A 404 1.77 -24.68 12.05
C ASN A 404 1.52 -25.03 13.52
N LEU A 405 0.41 -24.54 14.06
CA LEU A 405 0.02 -24.80 15.43
C LEU A 405 -0.60 -26.18 15.45
N LYS A 406 -0.36 -26.91 16.53
CA LYS A 406 -0.82 -28.28 16.60
C LYS A 406 -2.20 -28.37 17.24
N ASP A 407 -3.12 -29.03 16.52
CA ASP A 407 -4.46 -29.35 17.03
C ASP A 407 -4.39 -30.79 17.52
N SER A 408 -4.69 -31.00 18.80
CA SER A 408 -4.78 -32.36 19.35
C SER A 408 -6.06 -33.07 18.87
N GLN A 409 -6.99 -32.28 18.38
CA GLN A 409 -8.33 -32.75 18.03
C GLN A 409 -8.55 -33.00 16.52
N SER A 410 -7.56 -32.62 15.71
CA SER A 410 -7.69 -32.71 14.25
C SER A 410 -6.42 -33.21 13.57
N ALA A 411 -6.61 -33.77 12.36
CA ALA A 411 -5.47 -34.18 11.54
C ALA A 411 -4.74 -32.99 10.91
N ASN A 412 -5.43 -31.85 10.81
CA ASN A 412 -4.83 -30.63 10.23
C ASN A 412 -4.18 -29.75 11.30
N ASN A 413 -2.94 -29.31 11.06
CA ASN A 413 -2.39 -28.21 11.84
C ASN A 413 -3.29 -27.00 11.63
N TYR A 414 -3.12 -25.97 12.45
CA TYR A 414 -3.92 -24.77 12.31
C TYR A 414 -3.05 -23.51 12.40
N ALA A 415 -3.64 -22.39 12.04
CA ALA A 415 -2.97 -21.11 12.05
C ALA A 415 -3.92 -20.06 12.60
N LEU A 416 -3.36 -18.95 13.08
CA LEU A 416 -4.10 -17.81 13.57
C LEU A 416 -3.44 -16.56 12.99
N GLN A 417 -4.27 -15.63 12.49
CA GLN A 417 -3.79 -14.41 11.83
C GLN A 417 -4.74 -13.25 12.10
N LEU A 418 -4.17 -12.08 12.33
CA LEU A 418 -4.93 -10.88 12.66
C LEU A 418 -4.22 -9.69 12.03
N ALA A 419 -5.00 -8.85 11.34
CA ALA A 419 -4.48 -7.61 10.76
C ALA A 419 -5.49 -6.48 10.83
N ASP A 420 -4.97 -5.28 11.12
CA ASP A 420 -5.75 -4.05 11.10
C ASP A 420 -4.89 -2.92 10.57
N THR A 421 -5.54 -1.93 9.96
CA THR A 421 -4.87 -0.71 9.48
C THR A 421 -4.92 0.28 10.66
N VAL A 422 -3.74 0.74 11.10
CA VAL A 422 -3.60 1.57 12.31
C VAL A 422 -2.89 2.89 11.98
N GLN A 423 -3.51 4.00 12.33
CA GLN A 423 -2.95 5.33 12.05
C GLN A 423 -2.26 5.86 13.30
N ILE A 424 -1.02 6.32 13.16
CA ILE A 424 -0.41 7.09 14.21
C ILE A 424 -0.75 8.56 13.99
N PRO A 425 -1.55 9.16 14.91
CA PRO A 425 -1.97 10.55 14.74
C PRO A 425 -0.80 11.53 14.71
N LEU A 426 -1.02 12.67 14.05
CA LEU A 426 -0.03 13.73 14.05
C LEU A 426 0.12 14.35 15.44
N ASP A 427 -0.97 14.32 16.23
CA ASP A 427 -0.98 14.90 17.58
C ASP A 427 -0.27 13.99 18.59
N GLU A 428 0.75 14.55 19.24
CA GLU A 428 1.55 13.86 20.27
C GLU A 428 0.72 13.20 21.41
N THR A 429 -0.43 13.78 21.72
CA THR A 429 -1.20 13.31 22.88
C THR A 429 -2.13 12.13 22.56
N GLU A 430 -2.39 11.90 21.27
CA GLU A 430 -3.32 10.87 20.83
C GLU A 430 -2.61 9.53 20.55
N PRO A 431 -3.21 8.41 20.99
CA PRO A 431 -2.66 7.07 20.74
C PRO A 431 -2.96 6.56 19.31
N PRO A 432 -2.32 5.45 18.88
CA PRO A 432 -2.69 4.84 17.60
C PRO A 432 -4.18 4.57 17.48
N ARG A 433 -4.69 4.84 16.27
CA ARG A 433 -6.11 4.81 15.99
C ARG A 433 -6.37 3.66 14.99
N PHE A 434 -7.22 2.69 15.36
CA PHE A 434 -7.61 1.61 14.43
C PHE A 434 -8.53 2.23 13.36
N LEU A 435 -8.15 2.10 12.09
CA LEU A 435 -9.02 2.56 10.98
C LEU A 435 -9.99 1.45 10.60
N THR A 436 -9.52 0.21 10.74
CA THR A 436 -10.38 -0.96 10.55
C THR A 436 -10.96 -1.38 11.91
N ASN A 437 -12.29 -1.45 11.96
CA ASN A 437 -12.97 -1.66 13.24
C ASN A 437 -13.92 -2.85 13.25
N TYR A 438 -13.94 -3.61 12.15
CA TYR A 438 -14.78 -4.81 12.12
C TYR A 438 -14.42 -5.69 13.32
N THR A 439 -15.43 -6.31 13.94
CA THR A 439 -15.18 -7.09 15.18
C THR A 439 -14.03 -8.12 15.10
N LYS A 440 -13.30 -8.24 16.21
CA LYS A 440 -12.40 -9.38 16.38
C LYS A 440 -12.73 -10.13 17.69
N ALA A 441 -13.86 -9.76 18.31
CA ALA A 441 -14.27 -10.43 19.55
C ALA A 441 -14.47 -11.92 19.27
N LYS A 442 -13.94 -12.75 20.15
CA LYS A 442 -13.99 -14.21 19.95
C LYS A 442 -15.42 -14.71 19.80
N SER A 443 -16.37 -14.19 20.59
CA SER A 443 -17.75 -14.64 20.48
C SER A 443 -18.42 -14.19 19.17
N GLN A 444 -17.84 -13.22 18.49
N GLN A 444 -17.86 -13.18 18.51
CA GLN A 444 -18.42 -12.71 17.25
CA GLN A 444 -18.42 -12.68 17.24
C GLN A 444 -17.78 -13.34 16.01
C GLN A 444 -17.72 -13.24 16.00
N ILE A 445 -16.64 -13.99 16.20
CA ILE A 445 -15.93 -14.66 15.09
C ILE A 445 -15.96 -16.19 15.21
N SER A 446 -16.59 -16.70 16.28
CA SER A 446 -16.78 -18.12 16.51
C SER A 446 -18.15 -18.60 16.06
N PHE A 447 -18.19 -19.77 15.44
CA PHE A 447 -19.43 -20.35 14.92
C PHE A 447 -19.47 -21.84 15.22
N TYR A 448 -20.67 -22.34 15.53
CA TYR A 448 -20.88 -23.74 15.95
C TYR A 448 -21.99 -24.40 15.17
N PHE A 449 -21.66 -25.47 14.46
CA PHE A 449 -22.62 -26.19 13.62
C PHE A 449 -22.98 -27.57 14.15
C1 GOL B . 3.10 6.68 0.36
O1 GOL B . 1.70 6.85 0.53
C2 GOL B . 3.61 5.27 0.66
O2 GOL B . 3.09 4.35 -0.26
C3 GOL B . 3.34 4.83 2.09
O3 GOL B . 3.75 5.87 2.95
C1 GOL C . 18.17 22.05 -6.41
O1 GOL C . 19.50 22.04 -5.95
C2 GOL C . 17.28 21.40 -5.37
O2 GOL C . 17.72 20.07 -5.27
C3 GOL C . 17.40 22.06 -4.01
O3 GOL C . 17.00 23.43 -4.01
C1 GOL D . -2.67 -12.20 2.77
O1 GOL D . -2.72 -13.45 3.44
C2 GOL D . -1.94 -11.16 3.56
O2 GOL D . -2.15 -11.28 4.93
C3 GOL D . -2.40 -9.79 3.12
O3 GOL D . -1.38 -9.36 2.26
#